data_3VB6
#
_entry.id   3VB6
#
_cell.length_a   52.096
_cell.length_b   96.435
_cell.length_c   67.694
_cell.angle_alpha   90.00
_cell.angle_beta   103.48
_cell.angle_gamma   90.00
#
_symmetry.space_group_name_H-M   'P 1 21 1'
#
loop_
_entity.id
_entity.type
_entity.pdbx_description
1 polymer '3C-like proteinase'
2 polymer 'C6Z inhibitor'
3 non-polymer 1,2-ETHANEDIOL
4 water water
#
loop_
_entity_poly.entity_id
_entity_poly.type
_entity_poly.pdbx_seq_one_letter_code
_entity_poly.pdbx_strand_id
1 'polypeptide(L)'
;SGFRKMAFPSGKVEGCMVQVTCGTTTLNGLWLDDTVYCPRHVICTAEDMLNPNYEDLLIRKSNHSFLVQAGNVQLRVIGH
SMQNCLLRLKVDTSNPKTPKYKFVRIQPGQTFSVLACYNGSPSGVYQCAMRPNHTIKGSFLNGSCGSVGFNIDYDCVSFC
YMHHMELPTGVHAGTDLEGKFYGPFVDRQTAQAAGTDTTITLNVLAWLYAAVINGDRWFLNRFTTTLNDFNLVAMKYNYE
PLTQDHVDILGPLSAQTGIAVLDMCAALKELLQNGMNGRTILGSTILEDEFTPFDVVRQCSGVTFQ
;
A,B
2 'polypeptide(L)' (PHQ)TSAVL(0JU) E,F
#
loop_
_chem_comp.id
_chem_comp.type
_chem_comp.name
_chem_comp.formula
0JU non-polymer (4S,5Z)-4-amino-5-iminopentanamide 'C5 H11 N3 O'
EDO non-polymer 1,2-ETHANEDIOL 'C2 H6 O2'
PHQ non-polymer 'benzyl chlorocarbonate' 'C8 H7 Cl O2'
#
# COMPACT_ATOMS: atom_id res chain seq x y z
N SER A 1 -9.77 -7.42 12.02
CA SER A 1 -10.71 -6.94 11.02
C SER A 1 -10.23 -5.63 10.40
N GLY A 2 -11.14 -4.92 9.75
CA GLY A 2 -10.76 -3.79 8.92
C GLY A 2 -10.35 -4.32 7.56
N PHE A 3 -10.28 -3.43 6.58
CA PHE A 3 -9.95 -3.87 5.23
C PHE A 3 -9.20 -2.79 4.47
N ARG A 4 -8.00 -3.13 4.02
CA ARG A 4 -7.09 -2.17 3.39
C ARG A 4 -6.63 -2.62 2.00
N LYS A 5 -6.41 -1.65 1.11
CA LYS A 5 -5.75 -1.92 -0.16
C LYS A 5 -4.30 -2.24 0.18
N MET A 6 -3.98 -3.53 0.22
CA MET A 6 -2.73 -3.98 0.80
C MET A 6 -1.74 -4.55 -0.23
N ALA A 7 -0.48 -4.15 -0.11
CA ALA A 7 0.51 -4.65 -1.04
C ALA A 7 1.36 -5.73 -0.41
N PHE A 8 2.06 -6.50 -1.24
CA PHE A 8 2.95 -7.53 -0.76
C PHE A 8 4.18 -6.87 -0.19
N PRO A 9 4.78 -7.48 0.86
CA PRO A 9 6.06 -6.98 1.35
C PRO A 9 7.05 -7.01 0.21
N SER A 10 7.80 -5.92 0.01
CA SER A 10 8.54 -5.69 -1.22
C SER A 10 10.04 -5.96 -1.12
N GLY A 11 10.52 -6.29 0.07
CA GLY A 11 11.93 -6.53 0.33
C GLY A 11 12.59 -7.44 -0.68
N LYS A 12 11.97 -8.59 -0.95
CA LYS A 12 12.49 -9.51 -1.95
C LYS A 12 12.71 -8.84 -3.30
N VAL A 13 11.87 -7.86 -3.63
CA VAL A 13 11.99 -7.17 -4.90
C VAL A 13 13.04 -6.07 -4.78
N GLU A 14 13.06 -5.39 -3.64
CA GLU A 14 14.05 -4.33 -3.38
C GLU A 14 15.50 -4.75 -3.67
N GLY A 15 15.88 -5.94 -3.21
CA GLY A 15 17.24 -6.43 -3.40
C GLY A 15 17.51 -6.95 -4.81
N CYS A 16 16.66 -6.57 -5.76
CA CYS A 16 16.87 -6.95 -7.15
C CYS A 16 16.99 -5.71 -8.02
N MET A 17 16.72 -4.55 -7.43
CA MET A 17 16.62 -3.32 -8.19
C MET A 17 17.97 -2.72 -8.54
N VAL A 18 18.17 -2.45 -9.83
CA VAL A 18 19.37 -1.77 -10.27
C VAL A 18 19.04 -0.59 -11.20
N GLN A 19 20.08 0.21 -11.47
CA GLN A 19 20.00 1.33 -12.39
C GLN A 19 20.67 0.97 -13.71
N VAL A 20 20.13 1.45 -14.82
CA VAL A 20 20.73 1.18 -16.14
C VAL A 20 20.79 2.44 -17.00
N THR A 21 22.00 2.88 -17.28
CA THR A 21 22.20 4.05 -18.12
C THR A 21 22.86 3.66 -19.45
N CYS A 22 22.30 4.20 -20.53
CA CYS A 22 22.89 4.08 -21.85
C CYS A 22 22.81 5.50 -22.37
N GLY A 23 23.95 6.18 -22.33
CA GLY A 23 24.05 7.58 -22.73
C GLY A 23 23.49 8.52 -21.70
N THR A 24 22.50 9.31 -22.10
CA THR A 24 21.90 10.28 -21.23
C THR A 24 20.59 9.75 -20.64
N THR A 25 20.26 8.50 -20.98
CA THR A 25 19.02 7.86 -20.54
C THR A 25 19.25 6.89 -19.39
N THR A 26 18.62 7.18 -18.23
CA THR A 26 18.70 6.30 -17.07
C THR A 26 17.31 5.83 -16.63
N LEU A 27 17.18 4.52 -16.43
CA LEU A 27 15.97 3.93 -15.84
C LEU A 27 16.29 2.73 -14.94
N ASN A 28 15.25 2.06 -14.46
CA ASN A 28 15.43 0.93 -13.56
C ASN A 28 15.61 -0.38 -14.31
N GLY A 29 16.25 -1.34 -13.63
CA GLY A 29 16.47 -2.65 -14.18
C GLY A 29 16.27 -3.67 -13.08
N LEU A 30 15.87 -4.87 -13.46
CA LEU A 30 15.65 -5.95 -12.50
C LEU A 30 16.76 -6.98 -12.60
N TRP A 31 17.44 -7.21 -11.48
CA TRP A 31 18.66 -8.01 -11.44
C TRP A 31 18.43 -9.36 -10.75
N LEU A 32 18.41 -10.43 -11.53
CA LEU A 32 18.24 -11.78 -11.01
C LEU A 32 19.40 -12.68 -11.47
N ASP A 33 20.16 -13.20 -10.50
CA ASP A 33 21.37 -13.96 -10.81
C ASP A 33 22.39 -13.10 -11.55
N ASP A 34 22.69 -13.48 -12.79
CA ASP A 34 23.71 -12.79 -13.57
C ASP A 34 23.11 -11.95 -14.72
N THR A 35 21.80 -11.73 -14.67
CA THR A 35 21.13 -11.03 -15.77
C THR A 35 20.35 -9.81 -15.30
N VAL A 36 20.35 -8.77 -16.12
CA VAL A 36 19.57 -7.58 -15.78
C VAL A 36 18.55 -7.30 -16.86
N TYR A 37 17.29 -7.15 -16.43
CA TYR A 37 16.21 -6.84 -17.33
C TYR A 37 15.77 -5.38 -17.17
N CYS A 38 15.52 -4.72 -18.30
CA CYS A 38 15.02 -3.36 -18.31
C CYS A 38 14.29 -3.12 -19.64
N PRO A 39 13.53 -2.03 -19.75
CA PRO A 39 12.90 -1.68 -21.03
C PRO A 39 13.96 -1.42 -22.11
N ARG A 40 13.74 -2.00 -23.28
CA ARG A 40 14.73 -1.85 -24.34
C ARG A 40 14.90 -0.40 -24.77
N HIS A 41 13.94 0.45 -24.41
CA HIS A 41 14.00 1.85 -24.84
C HIS A 41 14.94 2.72 -24.03
N VAL A 42 15.68 2.11 -23.10
CA VAL A 42 16.80 2.80 -22.47
C VAL A 42 17.81 3.25 -23.53
N ILE A 43 17.84 2.51 -24.64
CA ILE A 43 18.78 2.81 -25.71
C ILE A 43 18.33 3.98 -26.60
N CYS A 44 17.03 4.24 -26.64
CA CYS A 44 16.53 5.34 -27.45
C CYS A 44 16.75 6.70 -26.80
N THR A 45 17.23 7.66 -27.57
CA THR A 45 17.03 9.05 -27.19
C THR A 45 15.59 9.35 -27.53
N ALA A 46 14.98 10.29 -26.82
CA ALA A 46 13.61 10.69 -27.10
C ALA A 46 13.47 11.00 -28.59
N GLU A 47 14.55 11.52 -29.18
CA GLU A 47 14.62 11.75 -30.62
C GLU A 47 14.21 10.49 -31.39
N ASP A 48 14.92 9.40 -31.14
CA ASP A 48 14.63 8.11 -31.77
C ASP A 48 13.19 7.67 -31.49
N MET A 49 12.61 8.24 -30.44
CA MET A 49 11.39 7.68 -29.85
C MET A 49 10.10 7.85 -30.66
N LEU A 50 10.14 8.61 -31.73
CA LEU A 50 8.94 8.79 -32.55
C LEU A 50 8.77 7.65 -33.56
N ASN A 51 9.85 6.91 -33.81
CA ASN A 51 9.84 5.91 -34.85
C ASN A 51 11.11 5.07 -34.79
N PRO A 52 11.38 4.47 -33.62
CA PRO A 52 12.64 3.78 -33.37
C PRO A 52 12.73 2.43 -34.07
N ASN A 53 13.85 2.14 -34.69
CA ASN A 53 14.12 0.78 -35.12
C ASN A 53 15.11 0.14 -34.17
N TYR A 54 14.61 -0.75 -33.34
CA TYR A 54 15.37 -1.27 -32.22
C TYR A 54 16.48 -2.21 -32.66
N GLU A 55 16.29 -2.88 -33.80
CA GLU A 55 17.37 -3.70 -34.34
C GLU A 55 18.53 -2.78 -34.71
N ASP A 56 18.23 -1.65 -35.34
CA ASP A 56 19.24 -0.69 -35.72
C ASP A 56 19.90 -0.04 -34.49
N LEU A 57 19.09 0.34 -33.51
CA LEU A 57 19.68 0.95 -32.33
C LEU A 57 20.54 -0.05 -31.57
N LEU A 58 20.07 -1.27 -31.44
CA LEU A 58 20.81 -2.25 -30.64
C LEU A 58 22.14 -2.68 -31.27
N ILE A 59 22.13 -2.95 -32.58
CA ILE A 59 23.33 -3.42 -33.27
C ILE A 59 24.48 -2.41 -33.13
N ARG A 60 24.15 -1.15 -32.83
CA ARG A 60 25.14 -0.08 -32.74
C ARG A 60 25.69 0.10 -31.32
N LYS A 61 25.41 -0.84 -30.45
CA LYS A 61 25.79 -0.70 -29.06
C LYS A 61 26.78 -1.78 -28.68
N SER A 62 27.65 -1.45 -27.74
CA SER A 62 28.58 -2.41 -27.16
C SER A 62 28.14 -2.75 -25.75
N ASN A 63 28.57 -3.91 -25.26
CA ASN A 63 28.36 -4.26 -23.86
C ASN A 63 28.78 -3.10 -22.95
N HIS A 64 29.87 -2.45 -23.31
CA HIS A 64 30.39 -1.37 -22.49
C HIS A 64 29.68 -0.02 -22.66
N SER A 65 28.63 0.03 -23.47
CA SER A 65 27.84 1.27 -23.55
C SER A 65 26.72 1.30 -22.51
N PHE A 66 26.51 0.17 -21.85
CA PHE A 66 25.53 0.08 -20.77
C PHE A 66 26.16 0.30 -19.40
N LEU A 67 25.79 1.39 -18.75
CA LEU A 67 26.25 1.65 -17.39
C LEU A 67 25.25 1.09 -16.40
N VAL A 68 25.53 -0.10 -15.89
CA VAL A 68 24.67 -0.77 -14.91
C VAL A 68 25.20 -0.53 -13.50
N GLN A 69 24.32 -0.17 -12.57
CA GLN A 69 24.73 0.12 -11.19
C GLN A 69 23.83 -0.44 -10.08
N ALA A 70 24.47 -1.14 -9.16
CA ALA A 70 23.84 -1.58 -7.92
C ALA A 70 24.18 -0.54 -6.85
N GLY A 71 23.30 0.43 -6.67
CA GLY A 71 23.63 1.57 -5.84
C GLY A 71 24.84 2.26 -6.43
N ASN A 72 25.85 2.52 -5.60
CA ASN A 72 27.05 3.22 -6.03
C ASN A 72 27.95 2.38 -6.95
N VAL A 73 27.63 1.10 -7.09
CA VAL A 73 28.57 0.14 -7.67
C VAL A 73 28.25 -0.36 -9.08
N GLN A 74 29.20 -0.18 -9.99
CA GLN A 74 29.02 -0.58 -11.36
C GLN A 74 29.06 -2.11 -11.50
N LEU A 75 28.19 -2.65 -12.35
CA LEU A 75 28.31 -4.05 -12.75
C LEU A 75 28.76 -4.15 -14.21
N ARG A 76 29.87 -4.84 -14.45
CA ARG A 76 30.37 -4.96 -15.81
C ARG A 76 29.40 -5.75 -16.64
N VAL A 77 28.86 -5.11 -17.68
CA VAL A 77 28.02 -5.80 -18.65
C VAL A 77 28.92 -6.62 -19.56
N ILE A 78 28.80 -7.94 -19.49
CA ILE A 78 29.54 -8.86 -20.35
C ILE A 78 28.70 -9.46 -21.47
N GLY A 79 27.41 -9.11 -21.53
CA GLY A 79 26.53 -9.64 -22.55
C GLY A 79 25.26 -8.83 -22.74
N HIS A 80 24.78 -8.73 -23.98
CA HIS A 80 23.49 -8.11 -24.21
C HIS A 80 22.70 -8.85 -25.28
N SER A 81 21.39 -8.64 -25.29
CA SER A 81 20.49 -9.25 -26.26
C SER A 81 19.09 -8.73 -26.01
N MET A 82 18.24 -8.82 -27.02
CA MET A 82 16.90 -8.23 -26.91
C MET A 82 15.84 -9.31 -26.88
N GLN A 83 14.85 -9.16 -25.99
CA GLN A 83 13.71 -10.09 -25.95
C GLN A 83 12.38 -9.34 -25.97
N ASN A 84 11.70 -9.46 -27.12
CA ASN A 84 10.52 -8.66 -27.35
C ASN A 84 10.86 -7.24 -26.99
N CYS A 85 10.16 -6.61 -26.05
CA CYS A 85 10.53 -5.22 -25.74
C CYS A 85 11.46 -5.06 -24.54
N LEU A 86 12.13 -6.14 -24.16
CA LEU A 86 13.11 -6.07 -23.08
C LEU A 86 14.56 -6.08 -23.54
N LEU A 87 15.40 -5.50 -22.70
CA LEU A 87 16.83 -5.69 -22.79
C LEU A 87 17.28 -6.70 -21.73
N ARG A 88 18.02 -7.72 -22.13
CA ARG A 88 18.62 -8.64 -21.16
C ARG A 88 20.14 -8.51 -21.17
N LEU A 89 20.68 -7.91 -20.12
CA LEU A 89 22.12 -7.66 -20.05
C LEU A 89 22.78 -8.68 -19.12
N LYS A 90 23.71 -9.46 -19.62
CA LYS A 90 24.46 -10.35 -18.75
C LYS A 90 25.49 -9.53 -17.99
N VAL A 91 25.67 -9.82 -16.69
CA VAL A 91 26.71 -9.15 -15.93
C VAL A 91 27.65 -10.17 -15.29
N ASP A 92 28.84 -9.71 -14.89
CA ASP A 92 29.91 -10.61 -14.49
C ASP A 92 29.75 -11.14 -13.08
N THR A 93 28.72 -10.70 -12.38
CA THR A 93 28.52 -11.19 -11.02
C THR A 93 27.05 -11.48 -10.72
N SER A 94 26.82 -12.42 -9.81
CA SER A 94 25.47 -12.81 -9.43
C SER A 94 24.86 -11.94 -8.32
N ASN A 95 23.55 -11.71 -8.39
CA ASN A 95 22.85 -11.06 -7.29
C ASN A 95 22.54 -12.07 -6.20
N PRO A 96 23.26 -12.01 -5.07
CA PRO A 96 23.03 -13.02 -4.03
C PRO A 96 21.67 -12.83 -3.30
N LYS A 97 21.11 -11.63 -3.33
CA LYS A 97 19.78 -11.38 -2.76
C LYS A 97 18.65 -11.85 -3.67
N THR A 98 19.00 -12.46 -4.79
CA THR A 98 18.01 -12.97 -5.75
C THR A 98 17.05 -13.94 -5.08
N PRO A 99 15.75 -13.70 -5.19
CA PRO A 99 14.82 -14.60 -4.50
C PRO A 99 14.41 -15.75 -5.39
N LYS A 100 13.65 -16.68 -4.83
CA LYS A 100 12.98 -17.70 -5.61
C LYS A 100 11.95 -16.95 -6.46
N TYR A 101 11.96 -17.14 -7.77
CA TYR A 101 11.05 -16.34 -8.58
C TYR A 101 10.44 -17.07 -9.77
N LYS A 102 9.47 -16.43 -10.39
CA LYS A 102 9.08 -16.84 -11.73
C LYS A 102 8.45 -15.70 -12.52
N PHE A 103 8.46 -15.86 -13.84
CA PHE A 103 7.85 -14.89 -14.74
C PHE A 103 6.44 -15.35 -15.08
N VAL A 104 5.45 -14.46 -14.91
CA VAL A 104 4.06 -14.82 -15.20
C VAL A 104 3.29 -13.71 -15.91
N ARG A 105 2.50 -14.10 -16.90
CA ARG A 105 1.62 -13.16 -17.58
C ARG A 105 0.24 -13.20 -16.90
N ILE A 106 -0.14 -12.11 -16.25
CA ILE A 106 -1.44 -12.10 -15.60
C ILE A 106 -2.59 -11.71 -16.53
N GLN A 107 -3.81 -11.99 -16.07
CA GLN A 107 -5.01 -11.67 -16.82
C GLN A 107 -5.62 -10.37 -16.32
N PRO A 108 -6.21 -9.60 -17.25
CA PRO A 108 -6.85 -8.33 -16.83
C PRO A 108 -7.81 -8.64 -15.70
N GLY A 109 -7.94 -7.71 -14.76
CA GLY A 109 -8.80 -7.94 -13.63
C GLY A 109 -8.01 -8.37 -12.40
N GLN A 110 -6.85 -8.97 -12.62
CA GLN A 110 -6.01 -9.38 -11.50
C GLN A 110 -5.23 -8.22 -10.88
N THR A 111 -4.67 -8.49 -9.71
CA THR A 111 -4.00 -7.47 -8.93
C THR A 111 -2.54 -7.82 -8.71
N PHE A 112 -1.76 -6.82 -8.32
CA PHE A 112 -0.36 -7.05 -7.98
C PHE A 112 0.21 -5.79 -7.33
N SER A 113 1.36 -5.96 -6.69
CA SER A 113 2.05 -4.83 -6.09
C SER A 113 3.10 -4.29 -7.05
N VAL A 114 3.22 -2.98 -7.06
CA VAL A 114 4.22 -2.29 -7.84
C VAL A 114 5.19 -1.67 -6.85
N LEU A 115 6.49 -1.85 -7.11
CA LEU A 115 7.50 -1.18 -6.32
C LEU A 115 8.05 -0.05 -7.16
N ALA A 116 7.48 1.13 -7.00
CA ALA A 116 7.92 2.26 -7.80
C ALA A 116 9.36 2.58 -7.42
N CYS A 117 10.20 2.79 -8.43
CA CYS A 117 11.60 3.06 -8.23
C CYS A 117 12.06 4.16 -9.16
N TYR A 118 13.07 4.90 -8.72
CA TYR A 118 13.78 5.85 -9.58
C TYR A 118 15.27 5.66 -9.37
N ASN A 119 16.02 5.60 -10.46
CA ASN A 119 17.47 5.39 -10.39
C ASN A 119 17.88 4.16 -9.57
N GLY A 120 17.12 3.08 -9.68
CA GLY A 120 17.41 1.87 -8.93
C GLY A 120 17.04 1.87 -7.45
N SER A 121 16.52 2.97 -6.93
CA SER A 121 16.18 3.02 -5.51
C SER A 121 14.68 2.97 -5.28
N PRO A 122 14.25 2.06 -4.40
CA PRO A 122 12.86 1.92 -3.97
C PRO A 122 12.33 3.24 -3.48
N SER A 123 11.13 3.60 -3.90
CA SER A 123 10.50 4.84 -3.48
C SER A 123 9.24 4.58 -2.66
N GLY A 124 8.42 3.64 -3.14
CA GLY A 124 7.14 3.35 -2.52
C GLY A 124 6.54 2.07 -3.10
N VAL A 125 5.60 1.47 -2.38
CA VAL A 125 4.93 0.28 -2.91
C VAL A 125 3.42 0.45 -2.85
N TYR A 126 2.72 0.03 -3.90
CA TYR A 126 1.28 0.14 -3.88
C TYR A 126 0.62 -1.05 -4.56
N GLN A 127 -0.60 -1.32 -4.14
CA GLN A 127 -1.35 -2.44 -4.69
C GLN A 127 -2.19 -1.85 -5.80
N CYS A 128 -2.33 -2.58 -6.90
CA CYS A 128 -3.15 -2.12 -8.01
C CYS A 128 -3.66 -3.28 -8.88
N ALA A 129 -4.51 -2.96 -9.84
CA ALA A 129 -5.07 -3.98 -10.72
C ALA A 129 -4.84 -3.66 -12.18
N MET A 130 -4.71 -4.73 -12.96
CA MET A 130 -4.66 -4.65 -14.41
C MET A 130 -6.06 -4.28 -14.87
N ARG A 131 -6.24 -3.07 -15.39
CA ARG A 131 -7.54 -2.70 -15.94
C ARG A 131 -7.93 -3.69 -17.04
N PRO A 132 -9.24 -3.83 -17.30
CA PRO A 132 -9.67 -4.65 -18.44
C PRO A 132 -9.14 -4.17 -19.81
N ASN A 133 -8.81 -2.89 -19.96
CA ASN A 133 -8.20 -2.40 -21.20
C ASN A 133 -6.67 -2.42 -21.14
N HIS A 134 -6.15 -3.15 -20.15
CA HIS A 134 -4.73 -3.44 -20.03
C HIS A 134 -3.88 -2.26 -19.57
N THR A 135 -4.49 -1.17 -19.14
CA THR A 135 -3.71 -0.08 -18.58
C THR A 135 -3.62 -0.29 -17.07
N ILE A 136 -2.69 0.41 -16.42
CA ILE A 136 -2.68 0.47 -14.96
C ILE A 136 -2.96 1.90 -14.55
N LYS A 137 -3.85 2.07 -13.58
CA LYS A 137 -4.08 3.39 -12.99
C LYS A 137 -3.04 3.58 -11.91
N GLY A 138 -1.85 4.05 -12.32
CA GLY A 138 -0.73 4.10 -11.41
C GLY A 138 -0.28 5.50 -11.03
N SER A 139 0.80 5.53 -10.25
CA SER A 139 1.45 6.75 -9.82
C SER A 139 2.93 6.64 -10.21
N PHE A 140 3.22 6.86 -11.49
CA PHE A 140 4.58 6.78 -12.02
C PHE A 140 5.06 8.17 -12.45
N LEU A 141 6.20 8.60 -11.93
CA LEU A 141 6.81 9.85 -12.38
C LEU A 141 7.78 9.57 -13.53
N ASN A 142 8.37 10.63 -14.09
CA ASN A 142 9.33 10.44 -15.19
C ASN A 142 10.61 9.77 -14.69
N GLY A 143 10.90 8.57 -15.21
CA GLY A 143 12.04 7.79 -14.76
C GLY A 143 11.67 6.54 -13.96
N SER A 144 10.38 6.26 -13.86
CA SER A 144 9.91 5.09 -13.12
C SER A 144 10.00 3.80 -13.95
N CYS A 145 10.33 3.95 -15.24
CA CYS A 145 10.42 2.82 -16.18
C CYS A 145 11.42 1.81 -15.68
N GLY A 146 11.05 0.53 -15.78
CA GLY A 146 11.85 -0.51 -15.20
C GLY A 146 11.33 -0.98 -13.86
N SER A 147 10.52 -0.15 -13.20
CA SER A 147 9.83 -0.58 -12.00
C SER A 147 8.93 -1.78 -12.31
N VAL A 148 8.81 -2.69 -11.37
CA VAL A 148 8.10 -3.94 -11.62
C VAL A 148 6.85 -4.15 -10.77
N GLY A 149 5.92 -4.93 -11.33
CA GLY A 149 4.79 -5.50 -10.62
C GLY A 149 5.03 -6.97 -10.29
N PHE A 150 4.55 -7.40 -9.13
CA PHE A 150 4.84 -8.73 -8.67
C PHE A 150 3.74 -9.20 -7.73
N ASN A 151 3.67 -10.51 -7.52
CA ASN A 151 2.89 -11.10 -6.45
C ASN A 151 3.82 -12.04 -5.70
N ILE A 152 3.45 -12.42 -4.49
CA ILE A 152 4.28 -13.35 -3.72
C ILE A 152 3.46 -14.52 -3.21
N ASP A 153 3.78 -15.71 -3.70
CA ASP A 153 3.16 -16.96 -3.25
C ASP A 153 4.14 -17.75 -2.37
N TYR A 154 4.11 -17.45 -1.08
CA TYR A 154 5.01 -18.07 -0.08
C TYR A 154 6.32 -17.32 0.04
N ASP A 155 7.37 -17.92 -0.52
CA ASP A 155 8.68 -17.29 -0.53
C ASP A 155 9.10 -17.01 -1.97
N CYS A 156 8.16 -17.23 -2.88
CA CYS A 156 8.40 -17.16 -4.31
C CYS A 156 7.79 -15.89 -4.94
N VAL A 157 8.61 -15.14 -5.66
CA VAL A 157 8.10 -13.91 -6.28
C VAL A 157 7.66 -14.17 -7.72
N SER A 158 6.38 -13.92 -8.00
CA SER A 158 5.88 -13.98 -9.36
C SER A 158 5.87 -12.57 -9.98
N PHE A 159 6.90 -12.26 -10.76
CA PHE A 159 6.95 -10.99 -11.51
C PHE A 159 6.05 -11.06 -12.71
N CYS A 160 5.15 -10.09 -12.83
CA CYS A 160 4.16 -10.11 -13.91
C CYS A 160 4.18 -8.84 -14.73
N TYR A 161 4.87 -7.81 -14.25
CA TYR A 161 4.79 -6.52 -14.92
C TYR A 161 6.06 -5.71 -14.80
N MET A 162 6.44 -5.11 -15.94
CA MET A 162 7.51 -4.12 -15.98
C MET A 162 7.01 -2.84 -16.68
N HIS A 163 7.34 -1.69 -16.12
CA HIS A 163 6.77 -0.44 -16.57
C HIS A 163 7.55 0.20 -17.72
N HIS A 164 6.84 0.63 -18.75
CA HIS A 164 7.47 1.17 -19.96
C HIS A 164 7.04 2.60 -20.31
N MET A 165 5.79 2.95 -20.06
CA MET A 165 5.30 4.25 -20.52
C MET A 165 4.02 4.85 -19.94
N GLU A 166 3.85 6.14 -20.16
CA GLU A 166 2.62 6.79 -19.81
C GLU A 166 1.81 7.14 -21.05
N LEU A 167 0.50 6.95 -20.96
CA LEU A 167 -0.41 7.25 -22.04
C LEU A 167 -0.99 8.65 -21.89
N PRO A 168 -1.51 9.23 -22.99
CA PRO A 168 -2.12 10.56 -23.03
C PRO A 168 -3.14 10.82 -21.92
N THR A 169 -3.94 9.82 -21.58
CA THR A 169 -4.96 9.99 -20.54
C THR A 169 -4.34 10.02 -19.14
N GLY A 170 -3.09 9.57 -19.04
CA GLY A 170 -2.40 9.55 -17.76
C GLY A 170 -2.43 8.19 -17.05
N VAL A 171 -2.78 7.14 -17.78
CA VAL A 171 -2.57 5.79 -17.27
C VAL A 171 -1.27 5.24 -17.85
N HIS A 172 -0.95 4.01 -17.47
CA HIS A 172 0.38 3.46 -17.71
C HIS A 172 0.36 2.09 -18.40
N ALA A 173 1.33 1.87 -19.29
CA ALA A 173 1.37 0.62 -20.06
C ALA A 173 2.71 -0.06 -19.85
N GLY A 174 2.73 -1.38 -19.98
CA GLY A 174 3.95 -2.13 -19.77
C GLY A 174 3.88 -3.53 -20.32
N THR A 175 4.82 -4.38 -19.89
CA THR A 175 4.94 -5.72 -20.43
C THR A 175 5.10 -6.74 -19.33
N ASP A 176 4.98 -8.02 -19.68
CA ASP A 176 5.35 -9.08 -18.77
C ASP A 176 6.88 -9.14 -18.76
N LEU A 177 7.45 -10.06 -17.99
CA LEU A 177 8.90 -10.15 -17.88
C LEU A 177 9.52 -10.91 -19.06
N GLU A 178 8.76 -11.09 -20.13
CA GLU A 178 9.32 -11.59 -21.39
C GLU A 178 9.25 -10.49 -22.43
N GLY A 179 8.80 -9.31 -22.04
CA GLY A 179 8.84 -8.17 -22.92
C GLY A 179 7.61 -7.97 -23.79
N LYS A 180 6.66 -8.89 -23.74
CA LYS A 180 5.40 -8.74 -24.47
C LYS A 180 4.50 -7.74 -23.78
N PHE A 181 4.13 -6.67 -24.49
CA PHE A 181 3.23 -5.66 -23.97
C PHE A 181 1.87 -6.19 -23.49
N TYR A 182 1.36 -5.59 -22.43
CA TYR A 182 -0.02 -5.82 -22.03
C TYR A 182 -0.87 -4.85 -22.82
N GLY A 183 -1.70 -5.39 -23.70
CA GLY A 183 -2.52 -4.54 -24.55
C GLY A 183 -1.90 -4.32 -25.91
N PRO A 184 -2.44 -3.37 -26.69
CA PRO A 184 -2.05 -3.09 -28.07
C PRO A 184 -1.14 -1.86 -28.16
N PHE A 185 -0.26 -1.70 -27.19
CA PHE A 185 0.63 -0.54 -27.18
C PHE A 185 2.04 -0.93 -27.61
N VAL A 186 2.80 0.07 -28.05
CA VAL A 186 4.18 -0.11 -28.49
C VAL A 186 5.13 0.93 -27.86
N ASP A 187 6.38 0.54 -27.64
CA ASP A 187 7.41 1.47 -27.11
C ASP A 187 7.84 2.50 -28.14
N ARG A 188 6.97 3.48 -28.37
CA ARG A 188 7.26 4.56 -29.29
C ARG A 188 6.24 5.65 -29.06
N GLN A 189 6.60 6.88 -29.37
CA GLN A 189 5.75 8.00 -29.00
C GLN A 189 4.87 8.46 -30.15
N THR A 190 3.68 7.87 -30.18
CA THR A 190 2.66 8.23 -31.13
C THR A 190 1.38 8.47 -30.35
N ALA A 191 0.24 8.45 -31.03
CA ALA A 191 -1.01 8.86 -30.42
C ALA A 191 -1.89 7.69 -29.93
N GLN A 192 -1.26 6.60 -29.52
CA GLN A 192 -2.01 5.49 -28.98
C GLN A 192 -2.73 5.99 -27.75
N ALA A 193 -3.92 5.45 -27.51
CA ALA A 193 -4.71 5.82 -26.33
C ALA A 193 -5.36 4.56 -25.76
N ALA A 194 -5.74 4.64 -24.48
CA ALA A 194 -6.37 3.51 -23.80
C ALA A 194 -7.76 3.21 -24.36
N GLY A 195 -7.99 1.93 -24.64
CA GLY A 195 -9.31 1.49 -25.08
C GLY A 195 -10.35 1.72 -23.99
N THR A 196 -11.59 1.42 -24.32
CA THR A 196 -12.69 1.60 -23.38
C THR A 196 -12.42 0.73 -22.17
N ASP A 197 -12.65 1.26 -20.97
CA ASP A 197 -12.48 0.40 -19.82
C ASP A 197 -13.82 0.10 -19.15
N THR A 198 -13.86 -1.04 -18.48
CA THR A 198 -15.05 -1.46 -17.77
C THR A 198 -14.74 -1.59 -16.29
N THR A 199 -15.75 -1.80 -15.48
CA THR A 199 -15.56 -2.09 -14.08
C THR A 199 -15.42 -3.60 -13.93
N ILE A 200 -14.53 -4.02 -13.04
CA ILE A 200 -14.30 -5.45 -12.81
C ILE A 200 -15.35 -6.08 -11.89
N THR A 201 -16.39 -6.58 -12.52
CA THR A 201 -17.54 -7.05 -11.81
C THR A 201 -17.14 -8.08 -10.79
N LEU A 202 -16.35 -9.05 -11.20
CA LEU A 202 -15.93 -10.10 -10.29
C LEU A 202 -15.39 -9.53 -8.98
N ASN A 203 -14.57 -8.48 -9.09
CA ASN A 203 -13.98 -7.84 -7.92
C ASN A 203 -14.99 -7.08 -7.07
N VAL A 204 -15.89 -6.32 -7.69
CA VAL A 204 -16.92 -5.62 -6.93
C VAL A 204 -17.70 -6.57 -5.99
N LEU A 205 -18.13 -7.71 -6.51
CA LEU A 205 -18.83 -8.70 -5.70
C LEU A 205 -17.96 -9.19 -4.55
N ALA A 206 -16.69 -9.47 -4.83
CA ALA A 206 -15.76 -9.89 -3.78
C ALA A 206 -15.71 -8.82 -2.68
N TRP A 207 -15.66 -7.57 -3.10
CA TRP A 207 -15.48 -6.46 -2.19
C TRP A 207 -16.71 -6.34 -1.29
N LEU A 208 -17.87 -6.57 -1.89
CA LEU A 208 -19.14 -6.59 -1.17
C LEU A 208 -19.12 -7.75 -0.17
N TYR A 209 -18.57 -8.89 -0.56
CA TYR A 209 -18.39 -9.98 0.39
C TYR A 209 -17.46 -9.59 1.54
N ALA A 210 -16.45 -8.78 1.24
CA ALA A 210 -15.55 -8.29 2.27
C ALA A 210 -16.31 -7.38 3.23
N ALA A 211 -17.07 -6.43 2.70
CA ALA A 211 -17.89 -5.58 3.55
C ALA A 211 -18.81 -6.40 4.45
N VAL A 212 -19.47 -7.39 3.85
CA VAL A 212 -20.37 -8.25 4.62
C VAL A 212 -19.64 -8.96 5.73
N ILE A 213 -18.63 -9.74 5.39
CA ILE A 213 -17.82 -10.40 6.41
C ILE A 213 -17.43 -9.43 7.54
N ASN A 214 -17.33 -8.13 7.22
CA ASN A 214 -16.92 -7.14 8.21
C ASN A 214 -18.08 -6.38 8.88
N GLY A 215 -19.23 -7.04 8.98
CA GLY A 215 -20.37 -6.47 9.67
C GLY A 215 -21.13 -5.41 8.91
N ASP A 216 -20.71 -5.12 7.69
CA ASP A 216 -21.52 -4.23 6.86
C ASP A 216 -22.53 -5.12 6.12
N ARG A 217 -23.80 -4.72 6.16
CA ARG A 217 -24.86 -5.52 5.56
C ARG A 217 -26.03 -4.71 5.01
N TRP A 218 -25.92 -3.39 5.05
CA TRP A 218 -27.07 -2.56 4.69
C TRP A 218 -27.55 -2.72 3.25
N PHE A 219 -26.60 -2.95 2.34
CA PHE A 219 -26.91 -3.07 0.91
C PHE A 219 -27.63 -4.40 0.55
N LEU A 220 -27.55 -5.39 1.43
CA LEU A 220 -28.21 -6.66 1.15
C LEU A 220 -29.73 -6.47 0.97
N ASN A 221 -30.38 -7.38 0.26
CA ASN A 221 -31.83 -7.34 0.10
C ASN A 221 -32.47 -8.72 -0.07
N ARG A 222 -33.79 -8.73 -0.22
CA ARG A 222 -34.55 -9.96 -0.14
C ARG A 222 -34.59 -10.66 -1.50
N PHE A 223 -34.29 -9.91 -2.55
CA PHE A 223 -34.41 -10.40 -3.91
C PHE A 223 -33.31 -11.36 -4.32
N THR A 224 -33.50 -11.91 -5.51
CA THR A 224 -32.41 -12.59 -6.21
C THR A 224 -32.52 -12.31 -7.71
N THR A 225 -31.63 -12.90 -8.49
CA THR A 225 -31.60 -12.61 -9.91
C THR A 225 -31.06 -13.82 -10.64
N THR A 226 -31.23 -13.85 -11.96
CA THR A 226 -30.46 -14.79 -12.79
C THR A 226 -29.24 -14.08 -13.32
N LEU A 227 -28.24 -14.86 -13.71
CA LEU A 227 -27.07 -14.34 -14.38
C LEU A 227 -27.41 -13.36 -15.51
N ASN A 228 -28.31 -13.78 -16.39
CA ASN A 228 -28.78 -12.93 -17.50
C ASN A 228 -29.40 -11.60 -17.14
N ASP A 229 -30.29 -11.62 -16.15
CA ASP A 229 -30.94 -10.40 -15.71
C ASP A 229 -29.94 -9.51 -15.00
N PHE A 230 -28.93 -10.09 -14.37
CA PHE A 230 -27.87 -9.28 -13.80
C PHE A 230 -27.01 -8.59 -14.89
N ASN A 231 -26.61 -9.35 -15.91
CA ASN A 231 -25.79 -8.81 -17.00
C ASN A 231 -26.51 -7.76 -17.84
N LEU A 232 -27.81 -7.94 -18.03
CA LEU A 232 -28.66 -6.98 -18.74
C LEU A 232 -28.69 -5.62 -18.05
N VAL A 233 -28.56 -5.61 -16.74
CA VAL A 233 -28.48 -4.36 -16.01
C VAL A 233 -27.03 -3.89 -15.94
N ALA A 234 -26.17 -4.73 -15.37
CA ALA A 234 -24.78 -4.35 -15.14
C ALA A 234 -24.12 -3.72 -16.37
N MET A 235 -24.48 -4.20 -17.56
CA MET A 235 -23.84 -3.73 -18.78
C MET A 235 -24.26 -2.32 -19.19
N LYS A 236 -25.34 -1.82 -18.61
CA LYS A 236 -25.78 -0.44 -18.86
C LYS A 236 -24.91 0.47 -18.04
N TYR A 237 -24.36 -0.07 -16.96
CA TYR A 237 -23.62 0.74 -16.01
C TYR A 237 -22.13 0.54 -16.20
N ASN A 238 -21.78 -0.05 -17.35
CA ASN A 238 -20.39 -0.16 -17.77
C ASN A 238 -19.59 -1.23 -17.04
N TYR A 239 -20.25 -2.30 -16.61
CA TYR A 239 -19.61 -3.39 -15.90
C TYR A 239 -19.33 -4.59 -16.81
N GLU A 240 -18.17 -5.23 -16.64
CA GLU A 240 -17.83 -6.52 -17.29
C GLU A 240 -18.98 -7.53 -17.20
N PRO A 241 -19.36 -8.14 -18.33
CA PRO A 241 -20.35 -9.21 -18.14
C PRO A 241 -19.81 -10.26 -17.16
N LEU A 242 -20.71 -10.80 -16.34
CA LEU A 242 -20.35 -11.80 -15.36
C LEU A 242 -20.65 -13.18 -15.91
N THR A 243 -19.71 -14.10 -15.73
CA THR A 243 -19.91 -15.47 -16.22
C THR A 243 -20.02 -16.44 -15.07
N GLN A 244 -20.49 -17.64 -15.41
CA GLN A 244 -20.59 -18.73 -14.47
C GLN A 244 -19.23 -19.03 -13.84
N ASP A 245 -18.16 -18.96 -14.62
CA ASP A 245 -16.83 -19.18 -14.06
C ASP A 245 -16.64 -18.20 -12.91
N HIS A 246 -17.05 -16.95 -13.13
CA HIS A 246 -16.90 -15.92 -12.11
C HIS A 246 -17.75 -16.24 -10.88
N VAL A 247 -18.97 -16.70 -11.11
CA VAL A 247 -19.79 -17.18 -10.01
C VAL A 247 -19.04 -18.25 -9.20
N ASP A 248 -18.62 -19.33 -9.87
CA ASP A 248 -17.93 -20.43 -9.19
C ASP A 248 -16.84 -19.91 -8.28
N ILE A 249 -16.10 -18.93 -8.78
CA ILE A 249 -14.94 -18.39 -8.08
C ILE A 249 -15.38 -17.79 -6.77
N LEU A 250 -16.55 -17.18 -6.79
CA LEU A 250 -17.13 -16.57 -5.62
C LEU A 250 -17.65 -17.61 -4.63
N GLY A 251 -17.55 -18.88 -5.03
CA GLY A 251 -18.01 -20.01 -4.20
C GLY A 251 -17.68 -19.97 -2.72
N PRO A 252 -16.38 -20.03 -2.38
CA PRO A 252 -15.91 -20.02 -0.99
C PRO A 252 -16.45 -18.84 -0.18
N LEU A 253 -16.50 -17.66 -0.79
CA LEU A 253 -16.98 -16.47 -0.11
C LEU A 253 -18.49 -16.54 0.13
N SER A 254 -19.19 -17.22 -0.77
CA SER A 254 -20.62 -17.40 -0.62
C SER A 254 -20.86 -18.32 0.59
N ALA A 255 -20.13 -19.43 0.63
CA ALA A 255 -20.23 -20.37 1.74
C ALA A 255 -19.89 -19.69 3.04
N GLN A 256 -18.77 -18.96 3.06
CA GLN A 256 -18.37 -18.35 4.31
C GLN A 256 -19.51 -17.46 4.81
N THR A 257 -19.92 -16.51 3.98
CA THR A 257 -20.92 -15.53 4.39
C THR A 257 -22.33 -16.08 4.44
N GLY A 258 -22.56 -17.21 3.79
CA GLY A 258 -23.91 -17.71 3.62
C GLY A 258 -24.81 -16.86 2.71
N ILE A 259 -24.24 -15.89 1.99
CA ILE A 259 -25.04 -15.17 1.02
C ILE A 259 -24.81 -15.77 -0.35
N ALA A 260 -25.89 -16.21 -0.99
CA ALA A 260 -25.81 -16.85 -2.30
C ALA A 260 -25.35 -15.84 -3.35
N VAL A 261 -24.44 -16.28 -4.23
CA VAL A 261 -23.82 -15.39 -5.19
C VAL A 261 -24.85 -14.55 -5.95
N LEU A 262 -25.87 -15.20 -6.52
CA LEU A 262 -26.86 -14.47 -7.30
C LEU A 262 -27.62 -13.47 -6.44
N ASP A 263 -27.78 -13.79 -5.17
CA ASP A 263 -28.33 -12.86 -4.20
C ASP A 263 -27.46 -11.62 -4.07
N MET A 264 -26.16 -11.82 -3.80
CA MET A 264 -25.22 -10.70 -3.80
C MET A 264 -25.29 -9.90 -5.12
N CYS A 265 -25.51 -10.59 -6.24
CA CYS A 265 -25.72 -9.92 -7.51
C CYS A 265 -26.96 -9.03 -7.50
N ALA A 266 -28.05 -9.54 -6.91
CA ALA A 266 -29.25 -8.74 -6.78
C ALA A 266 -28.93 -7.48 -5.99
N ALA A 267 -28.16 -7.62 -4.92
CA ALA A 267 -27.75 -6.48 -4.10
C ALA A 267 -27.04 -5.44 -4.96
N LEU A 268 -26.05 -5.92 -5.73
CA LEU A 268 -25.25 -5.06 -6.59
C LEU A 268 -26.15 -4.37 -7.60
N LYS A 269 -27.11 -5.13 -8.13
CA LYS A 269 -28.07 -4.61 -9.10
C LYS A 269 -28.77 -3.35 -8.58
N GLU A 270 -29.27 -3.42 -7.34
CA GLU A 270 -29.93 -2.27 -6.75
C GLU A 270 -28.97 -1.12 -6.48
N LEU A 271 -27.77 -1.45 -6.03
CA LEU A 271 -26.78 -0.42 -5.78
C LEU A 271 -26.54 0.39 -7.05
N LEU A 272 -26.54 -0.30 -8.18
CA LEU A 272 -26.32 0.36 -9.46
C LEU A 272 -27.53 1.20 -9.85
N GLN A 273 -28.72 0.73 -9.48
CA GLN A 273 -29.92 1.45 -9.89
C GLN A 273 -30.26 2.61 -8.98
N ASN A 274 -29.77 2.55 -7.74
CA ASN A 274 -30.16 3.51 -6.71
C ASN A 274 -29.03 4.24 -5.99
N GLY A 275 -27.80 4.17 -6.52
CA GLY A 275 -26.66 4.74 -5.81
C GLY A 275 -26.60 4.27 -4.36
N MET A 276 -25.73 4.88 -3.56
CA MET A 276 -25.55 4.44 -2.17
C MET A 276 -26.36 5.28 -1.19
N ASN A 277 -27.04 6.31 -1.71
CA ASN A 277 -27.89 7.12 -0.87
C ASN A 277 -27.06 7.59 0.33
N GLY A 278 -25.95 8.25 0.05
CA GLY A 278 -25.09 8.79 1.08
C GLY A 278 -24.26 7.76 1.82
N ARG A 279 -24.86 6.58 2.05
CA ARG A 279 -24.21 5.50 2.77
C ARG A 279 -22.83 5.14 2.21
N THR A 280 -22.06 4.38 2.98
CA THR A 280 -20.74 3.94 2.56
C THR A 280 -20.61 2.44 2.77
N ILE A 281 -19.70 1.83 2.01
CA ILE A 281 -19.35 0.43 2.20
C ILE A 281 -17.84 0.35 2.48
N LEU A 282 -17.46 -0.43 3.50
CA LEU A 282 -16.07 -0.47 3.95
C LEU A 282 -15.42 0.89 3.78
N GLY A 283 -16.08 1.93 4.28
CA GLY A 283 -15.54 3.28 4.20
C GLY A 283 -15.76 3.97 2.87
N SER A 284 -15.85 3.20 1.80
CA SER A 284 -15.92 3.83 0.48
C SER A 284 -17.32 4.28 0.15
N THR A 285 -17.43 5.34 -0.66
CA THR A 285 -18.73 5.77 -1.19
C THR A 285 -18.89 5.38 -2.65
N ILE A 286 -17.91 4.64 -3.16
CA ILE A 286 -18.04 4.05 -4.48
C ILE A 286 -17.70 2.56 -4.44
N LEU A 287 -18.11 1.86 -5.49
CA LEU A 287 -17.89 0.43 -5.56
C LEU A 287 -16.47 0.15 -6.07
N GLU A 288 -15.64 -0.36 -5.18
CA GLU A 288 -14.23 -0.65 -5.47
C GLU A 288 -14.08 -1.96 -6.24
N ASP A 289 -13.38 -1.93 -7.36
CA ASP A 289 -13.19 -3.15 -8.12
C ASP A 289 -11.73 -3.59 -8.19
N GLU A 290 -10.94 -3.23 -7.18
CA GLU A 290 -9.52 -3.54 -7.20
C GLU A 290 -9.13 -4.59 -6.18
N PHE A 291 -10.10 -5.44 -5.82
CA PHE A 291 -9.81 -6.59 -4.99
C PHE A 291 -10.33 -7.83 -5.66
N THR A 292 -9.45 -8.80 -5.86
CA THR A 292 -9.88 -10.04 -6.42
C THR A 292 -10.53 -10.84 -5.32
N PRO A 293 -11.35 -11.84 -5.69
CA PRO A 293 -11.85 -12.81 -4.72
C PRO A 293 -10.72 -13.38 -3.87
N PHE A 294 -9.57 -13.65 -4.48
CA PHE A 294 -8.47 -14.25 -3.72
C PHE A 294 -7.92 -13.27 -2.68
N ASP A 295 -7.89 -11.98 -3.04
CA ASP A 295 -7.38 -10.97 -2.12
C ASP A 295 -8.26 -10.92 -0.88
N VAL A 296 -9.56 -10.80 -1.10
CA VAL A 296 -10.53 -10.77 -0.03
C VAL A 296 -10.31 -11.94 0.95
N VAL A 297 -10.12 -13.14 0.40
CA VAL A 297 -10.00 -14.32 1.24
C VAL A 297 -8.70 -14.33 2.03
N ARG A 298 -7.64 -13.75 1.48
CA ARG A 298 -6.38 -13.70 2.20
C ARG A 298 -6.44 -12.65 3.31
N GLN A 299 -7.10 -11.53 3.02
CA GLN A 299 -7.18 -10.46 4.01
C GLN A 299 -8.24 -10.71 5.09
N CYS A 300 -9.33 -11.37 4.72
CA CYS A 300 -10.41 -11.63 5.68
C CYS A 300 -10.34 -13.02 6.33
N SER A 301 -9.65 -13.95 5.67
CA SER A 301 -9.62 -15.36 6.10
C SER A 301 -11.02 -15.88 6.46
N SER B 1 2.40 10.37 -14.14
CA SER B 1 1.47 10.94 -13.17
C SER B 1 0.71 9.87 -12.39
N GLY B 2 -0.51 10.21 -11.97
CA GLY B 2 -1.31 9.38 -11.11
C GLY B 2 -0.93 9.68 -9.67
N PHE B 3 -1.89 9.56 -8.76
CA PHE B 3 -1.59 9.78 -7.35
C PHE B 3 -2.17 8.67 -6.51
N ARG B 4 -1.30 7.90 -5.87
CA ARG B 4 -1.73 6.83 -5.00
C ARG B 4 -1.22 7.05 -3.58
N LYS B 5 -1.97 6.56 -2.61
CA LYS B 5 -1.43 6.35 -1.27
C LYS B 5 -0.40 5.24 -1.39
N MET B 6 0.84 5.51 -1.00
CA MET B 6 1.88 4.50 -1.06
C MET B 6 2.45 4.16 0.30
N ALA B 7 2.71 2.89 0.54
CA ALA B 7 3.52 2.49 1.68
C ALA B 7 4.99 2.66 1.33
N PHE B 8 5.82 2.80 2.35
CA PHE B 8 7.26 2.75 2.18
C PHE B 8 7.70 1.34 1.80
N PRO B 9 8.80 1.23 1.05
CA PRO B 9 9.34 -0.10 0.77
C PRO B 9 9.68 -0.78 2.09
N SER B 10 9.25 -2.02 2.27
CA SER B 10 9.24 -2.64 3.59
C SER B 10 10.41 -3.56 3.92
N GLY B 11 11.37 -3.65 3.01
CA GLY B 11 12.48 -4.59 3.16
C GLY B 11 13.21 -4.45 4.49
N LYS B 12 13.71 -3.26 4.75
CA LYS B 12 14.44 -2.96 5.97
C LYS B 12 13.71 -3.41 7.25
N VAL B 13 12.40 -3.44 7.19
CA VAL B 13 11.62 -3.79 8.38
C VAL B 13 11.31 -5.27 8.36
N GLU B 14 11.22 -5.84 7.16
CA GLU B 14 10.93 -7.26 7.03
C GLU B 14 11.99 -8.13 7.70
N GLY B 15 13.23 -7.66 7.69
CA GLY B 15 14.33 -8.41 8.23
C GLY B 15 14.44 -8.30 9.72
N CYS B 16 13.47 -7.62 10.34
CA CYS B 16 13.45 -7.47 11.81
C CYS B 16 12.35 -8.28 12.43
N MET B 17 11.48 -8.87 11.62
CA MET B 17 10.31 -9.52 12.17
C MET B 17 10.60 -10.95 12.58
N VAL B 18 10.29 -11.27 13.83
CA VAL B 18 10.34 -12.66 14.27
C VAL B 18 9.02 -13.09 14.93
N GLN B 19 9.01 -14.34 15.38
CA GLN B 19 7.86 -14.98 15.99
C GLN B 19 8.18 -15.26 17.44
N VAL B 20 7.29 -14.86 18.35
CA VAL B 20 7.50 -15.04 19.78
C VAL B 20 6.40 -15.89 20.40
N THR B 21 6.80 -16.93 21.13
CA THR B 21 5.84 -17.88 21.69
C THR B 21 6.05 -18.21 23.16
N CYS B 22 4.95 -18.19 23.91
CA CYS B 22 4.93 -18.53 25.34
C CYS B 22 3.77 -19.48 25.52
N GLY B 23 4.09 -20.77 25.62
CA GLY B 23 3.06 -21.77 25.68
C GLY B 23 2.17 -21.69 24.46
N THR B 24 0.91 -21.35 24.67
CA THR B 24 -0.10 -21.37 23.60
C THR B 24 -0.08 -20.11 22.74
N THR B 25 0.55 -19.06 23.27
CA THR B 25 0.47 -17.75 22.63
C THR B 25 1.62 -17.50 21.67
N THR B 26 1.28 -17.31 20.39
CA THR B 26 2.25 -16.88 19.40
C THR B 26 1.92 -15.50 18.86
N LEU B 27 2.90 -14.63 18.82
CA LEU B 27 2.78 -13.38 18.07
C LEU B 27 4.12 -12.96 17.50
N ASN B 28 4.15 -11.76 16.92
CA ASN B 28 5.35 -11.27 16.26
C ASN B 28 6.20 -10.43 17.20
N GLY B 29 7.50 -10.41 16.96
CA GLY B 29 8.38 -9.50 17.65
C GLY B 29 9.27 -8.73 16.68
N LEU B 30 9.80 -7.61 17.16
CA LEU B 30 10.72 -6.78 16.39
C LEU B 30 12.14 -6.96 16.93
N TRP B 31 13.04 -7.36 16.03
CA TRP B 31 14.40 -7.77 16.38
C TRP B 31 15.37 -6.73 15.86
N LEU B 32 15.93 -5.96 16.79
CA LEU B 32 16.90 -4.91 16.47
C LEU B 32 18.12 -5.14 17.32
N ASP B 33 19.26 -5.27 16.66
CA ASP B 33 20.46 -5.69 17.35
C ASP B 33 20.11 -6.96 18.14
N ASP B 34 20.53 -7.01 19.39
CA ASP B 34 20.35 -8.22 20.21
C ASP B 34 19.13 -8.17 21.13
N THR B 35 18.10 -7.45 20.71
CA THR B 35 16.90 -7.30 21.52
C THR B 35 15.65 -7.54 20.67
N VAL B 36 14.69 -8.28 21.25
CA VAL B 36 13.41 -8.49 20.61
C VAL B 36 12.32 -7.79 21.42
N TYR B 37 11.46 -7.07 20.72
CA TYR B 37 10.42 -6.29 21.34
C TYR B 37 9.10 -6.92 20.94
N CYS B 38 8.21 -7.14 21.90
CA CYS B 38 6.86 -7.63 21.59
C CYS B 38 5.84 -7.17 22.64
N PRO B 39 4.54 -7.34 22.36
CA PRO B 39 3.54 -7.03 23.40
C PRO B 39 3.70 -7.95 24.63
N ARG B 40 3.75 -7.35 25.80
CA ARG B 40 3.88 -8.12 27.03
C ARG B 40 2.71 -9.11 27.21
N HIS B 41 1.61 -8.88 26.51
CA HIS B 41 0.48 -9.82 26.61
C HIS B 41 0.75 -11.18 25.95
N VAL B 42 1.99 -11.42 25.55
CA VAL B 42 2.36 -12.72 25.01
C VAL B 42 2.39 -13.75 26.14
N ILE B 43 2.72 -13.28 27.35
CA ILE B 43 2.81 -14.16 28.51
C ILE B 43 1.44 -14.52 29.09
N CYS B 44 0.37 -14.37 28.29
CA CYS B 44 -1.00 -14.62 28.74
C CYS B 44 -1.72 -15.72 27.96
N THR B 45 -2.78 -16.28 28.56
CA THR B 45 -3.63 -17.26 27.89
C THR B 45 -5.10 -16.84 27.91
N ALA B 46 -5.98 -17.80 27.62
CA ALA B 46 -7.40 -17.54 27.41
C ALA B 46 -8.02 -16.59 28.44
N GLU B 47 -8.04 -17.02 29.70
CA GLU B 47 -8.63 -16.21 30.76
C GLU B 47 -7.73 -15.04 31.13
N ASP B 48 -6.50 -15.34 31.53
CA ASP B 48 -5.55 -14.33 31.96
C ASP B 48 -5.88 -12.93 31.45
N MET B 49 -5.81 -12.78 30.12
CA MET B 49 -5.97 -11.50 29.45
C MET B 49 -6.99 -10.53 30.05
N LEU B 50 -8.09 -11.06 30.60
CA LEU B 50 -9.12 -10.22 31.25
C LEU B 50 -8.49 -9.16 32.14
N ASN B 51 -8.03 -9.59 33.32
CA ASN B 51 -7.19 -8.73 34.12
C ASN B 51 -6.07 -9.53 34.77
N PRO B 52 -4.84 -9.20 34.39
CA PRO B 52 -3.64 -9.92 34.82
C PRO B 52 -2.66 -8.99 35.52
N ASN B 53 -1.91 -9.51 36.49
CA ASN B 53 -0.76 -8.78 36.99
C ASN B 53 0.48 -9.11 36.16
N TYR B 54 0.76 -8.27 35.18
CA TYR B 54 1.92 -8.47 34.34
C TYR B 54 3.19 -8.53 35.20
N GLU B 55 3.39 -7.53 36.06
CA GLU B 55 4.55 -7.54 36.94
C GLU B 55 4.72 -8.92 37.53
N ASP B 56 3.59 -9.52 37.90
CA ASP B 56 3.56 -10.75 38.65
C ASP B 56 3.76 -11.98 37.77
N LEU B 57 2.98 -12.07 36.69
CA LEU B 57 3.11 -13.17 35.75
C LEU B 57 4.55 -13.29 35.25
N LEU B 58 5.14 -12.15 34.91
CA LEU B 58 6.46 -12.13 34.31
C LEU B 58 7.49 -12.76 35.23
N ILE B 59 7.24 -12.65 36.52
CA ILE B 59 8.19 -13.10 37.52
C ILE B 59 8.35 -14.61 37.50
N ARG B 60 7.28 -15.32 37.17
CA ARG B 60 7.37 -16.77 37.04
C ARG B 60 8.17 -17.13 35.80
N LYS B 61 7.92 -16.39 34.71
CA LYS B 61 8.56 -16.66 33.42
C LYS B 61 10.08 -16.78 33.53
N SER B 62 10.63 -17.80 32.87
CA SER B 62 12.07 -17.91 32.69
C SER B 62 12.40 -17.65 31.23
N ASN B 63 13.66 -17.33 30.96
CA ASN B 63 14.09 -17.13 29.57
C ASN B 63 13.75 -18.31 28.67
N HIS B 64 14.04 -19.51 29.14
CA HIS B 64 13.83 -20.71 28.33
C HIS B 64 12.38 -20.85 27.92
N SER B 65 11.47 -20.21 28.66
CA SER B 65 10.04 -20.28 28.35
C SER B 65 9.63 -19.40 27.16
N PHE B 66 10.55 -18.58 26.68
CA PHE B 66 10.31 -17.81 25.47
C PHE B 66 10.90 -18.51 24.25
N LEU B 67 10.04 -18.84 23.30
CA LEU B 67 10.49 -19.42 22.04
C LEU B 67 10.53 -18.33 20.98
N VAL B 68 11.72 -17.99 20.51
CA VAL B 68 11.86 -16.91 19.56
C VAL B 68 12.35 -17.42 18.21
N GLN B 69 11.49 -17.37 17.21
CA GLN B 69 11.83 -17.92 15.91
C GLN B 69 12.04 -16.85 14.82
N ALA B 70 13.29 -16.80 14.31
CA ALA B 70 13.65 -16.01 13.13
C ALA B 70 14.03 -16.96 11.98
N GLY B 71 13.18 -17.02 10.96
CA GLY B 71 13.35 -18.02 9.93
C GLY B 71 13.28 -19.40 10.53
N ASN B 72 14.23 -20.25 10.17
CA ASN B 72 14.20 -21.63 10.66
C ASN B 72 15.01 -21.73 11.93
N VAL B 73 15.42 -20.59 12.46
CA VAL B 73 16.39 -20.59 13.54
C VAL B 73 15.82 -20.08 14.85
N GLN B 74 15.95 -20.89 15.90
CA GLN B 74 15.56 -20.44 17.22
C GLN B 74 16.63 -19.50 17.76
N LEU B 75 16.21 -18.32 18.20
CA LEU B 75 17.11 -17.42 18.90
C LEU B 75 17.08 -17.77 20.36
N ARG B 76 18.25 -17.85 20.97
CA ARG B 76 18.33 -18.20 22.37
C ARG B 76 18.19 -16.94 23.22
N VAL B 77 17.08 -16.83 23.93
CA VAL B 77 16.87 -15.67 24.79
C VAL B 77 17.68 -15.80 26.08
N ILE B 78 18.43 -14.74 26.40
CA ILE B 78 19.37 -14.76 27.50
C ILE B 78 19.04 -13.70 28.53
N GLY B 79 17.89 -13.05 28.38
CA GLY B 79 17.42 -12.02 29.28
C GLY B 79 16.01 -11.58 28.92
N HIS B 80 15.28 -11.08 29.91
CA HIS B 80 13.95 -10.54 29.65
C HIS B 80 13.59 -9.50 30.68
N SER B 81 12.89 -8.46 30.22
CA SER B 81 12.38 -7.45 31.10
C SER B 81 11.14 -6.80 30.48
N MET B 82 10.42 -6.04 31.29
CA MET B 82 9.20 -5.42 30.83
C MET B 82 9.45 -3.91 30.76
N GLN B 83 8.87 -3.26 29.74
CA GLN B 83 9.00 -1.82 29.61
C GLN B 83 7.69 -1.24 29.18
N ASN B 84 6.97 -0.67 30.14
CA ASN B 84 5.59 -0.28 29.93
C ASN B 84 4.90 -1.50 29.36
N CYS B 85 4.18 -1.36 28.25
CA CYS B 85 3.42 -2.52 27.76
C CYS B 85 4.20 -3.49 26.85
N LEU B 86 5.50 -3.29 26.77
CA LEU B 86 6.36 -4.18 25.97
C LEU B 86 7.21 -5.10 26.80
N LEU B 87 7.54 -6.23 26.20
CA LEU B 87 8.55 -7.12 26.74
C LEU B 87 9.83 -6.91 25.92
N ARG B 88 10.98 -6.81 26.61
CA ARG B 88 12.27 -6.77 25.95
C ARG B 88 13.02 -8.07 26.21
N LEU B 89 13.09 -8.93 25.20
CA LEU B 89 13.89 -10.14 25.30
C LEU B 89 15.27 -9.83 24.75
N LYS B 90 16.29 -10.12 25.55
CA LYS B 90 17.66 -10.03 25.07
C LYS B 90 18.09 -11.38 24.49
N VAL B 91 18.65 -11.37 23.28
CA VAL B 91 19.05 -12.60 22.60
C VAL B 91 20.55 -12.69 22.41
N ASP B 92 21.07 -13.87 22.10
CA ASP B 92 22.53 -14.06 22.02
C ASP B 92 23.15 -13.61 20.69
N THR B 93 22.30 -13.29 19.72
CA THR B 93 22.72 -12.90 18.39
C THR B 93 22.19 -11.52 18.05
N SER B 94 23.06 -10.61 17.65
CA SER B 94 22.64 -9.32 17.14
C SER B 94 22.15 -9.46 15.70
N ASN B 95 20.89 -9.06 15.46
CA ASN B 95 20.28 -9.16 14.13
C ASN B 95 21.14 -8.51 13.05
N PRO B 96 21.67 -9.34 12.14
CA PRO B 96 22.63 -8.85 11.14
C PRO B 96 21.94 -7.96 10.12
N LYS B 97 20.61 -7.97 10.09
CA LYS B 97 19.86 -7.13 9.17
C LYS B 97 19.36 -5.85 9.82
N THR B 98 19.84 -5.56 11.03
CA THR B 98 19.45 -4.34 11.75
C THR B 98 19.68 -3.08 10.91
N PRO B 99 18.60 -2.39 10.54
CA PRO B 99 18.77 -1.13 9.81
C PRO B 99 19.09 0.02 10.77
N LYS B 100 19.65 1.10 10.23
CA LYS B 100 19.69 2.36 10.93
C LYS B 100 18.24 2.65 11.34
N TYR B 101 18.03 3.05 12.58
CA TYR B 101 16.66 3.24 13.06
C TYR B 101 16.56 4.17 14.26
N LYS B 102 15.32 4.45 14.64
CA LYS B 102 15.02 5.26 15.80
C LYS B 102 13.58 4.95 16.20
N PHE B 103 13.27 5.21 17.46
CA PHE B 103 11.92 5.07 17.98
C PHE B 103 11.28 6.46 18.06
N VAL B 104 10.10 6.61 17.47
CA VAL B 104 9.39 7.89 17.49
C VAL B 104 7.93 7.74 17.93
N ARG B 105 7.49 8.61 18.83
CA ARG B 105 6.07 8.71 19.11
C ARG B 105 5.49 9.72 18.13
N ILE B 106 4.62 9.26 17.24
CA ILE B 106 3.99 10.15 16.26
C ILE B 106 2.71 10.81 16.82
N GLN B 107 2.37 11.98 16.28
CA GLN B 107 1.18 12.71 16.69
C GLN B 107 -0.07 12.26 15.92
N PRO B 108 -1.25 12.45 16.51
CA PRO B 108 -2.50 12.17 15.77
C PRO B 108 -2.58 12.87 14.38
N GLY B 109 -3.24 12.18 13.44
CA GLY B 109 -3.35 12.67 12.08
C GLY B 109 -2.17 12.26 11.20
N GLN B 110 -1.04 11.91 11.81
CA GLN B 110 0.15 11.55 11.03
C GLN B 110 0.09 10.14 10.45
N THR B 111 0.81 9.92 9.36
CA THR B 111 0.73 8.64 8.67
C THR B 111 1.97 7.77 8.89
N PHE B 112 1.82 6.47 8.62
CA PHE B 112 2.95 5.54 8.63
C PHE B 112 2.54 4.28 7.88
N SER B 113 3.50 3.43 7.56
CA SER B 113 3.21 2.16 6.95
C SER B 113 3.07 1.04 7.98
N VAL B 114 2.28 0.03 7.65
CA VAL B 114 2.13 -1.11 8.53
C VAL B 114 2.51 -2.37 7.83
N LEU B 115 3.47 -3.09 8.41
CA LEU B 115 3.78 -4.41 7.95
C LEU B 115 3.02 -5.43 8.79
N ALA B 116 1.92 -5.93 8.23
CA ALA B 116 1.13 -6.95 8.89
C ALA B 116 1.86 -8.31 8.90
N CYS B 117 1.97 -8.93 10.08
CA CYS B 117 2.66 -10.23 10.21
C CYS B 117 1.91 -11.27 11.03
N TYR B 118 2.20 -12.53 10.75
CA TYR B 118 1.60 -13.65 11.45
C TYR B 118 2.66 -14.74 11.56
N ASN B 119 2.91 -15.21 12.78
CA ASN B 119 3.94 -16.22 13.03
C ASN B 119 5.36 -15.78 12.64
N GLY B 120 5.62 -14.47 12.64
CA GLY B 120 6.93 -13.94 12.30
C GLY B 120 7.16 -13.68 10.81
N SER B 121 6.10 -13.81 10.03
CA SER B 121 6.19 -13.78 8.58
C SER B 121 5.26 -12.71 7.97
N PRO B 122 5.86 -11.66 7.40
CA PRO B 122 5.07 -10.55 6.85
C PRO B 122 4.08 -11.01 5.78
N SER B 123 2.88 -10.43 5.80
CA SER B 123 1.80 -10.81 4.89
C SER B 123 1.49 -9.70 3.89
N GLY B 124 1.72 -8.47 4.30
CA GLY B 124 1.30 -7.31 3.54
C GLY B 124 1.76 -6.02 4.17
N VAL B 125 1.73 -4.94 3.38
CA VAL B 125 2.01 -3.63 3.92
C VAL B 125 1.00 -2.64 3.37
N TYR B 126 0.43 -1.84 4.26
CA TYR B 126 -0.45 -0.77 3.86
C TYR B 126 -0.11 0.55 4.55
N GLN B 127 -0.68 1.63 4.04
CA GLN B 127 -0.42 2.95 4.57
C GLN B 127 -1.68 3.32 5.32
N CYS B 128 -1.52 3.87 6.52
CA CYS B 128 -2.68 4.31 7.30
C CYS B 128 -2.34 5.59 8.07
N ALA B 129 -3.28 6.04 8.91
CA ALA B 129 -3.09 7.25 9.69
C ALA B 129 -3.52 7.04 11.11
N MET B 130 -2.81 7.66 12.05
CA MET B 130 -3.28 7.70 13.44
C MET B 130 -4.49 8.62 13.46
N ARG B 131 -5.65 8.09 13.80
CA ARG B 131 -6.85 8.92 13.86
C ARG B 131 -6.80 9.91 15.01
N PRO B 132 -7.49 11.05 14.86
CA PRO B 132 -7.64 12.03 15.94
C PRO B 132 -8.06 11.38 17.25
N ASN B 133 -8.80 10.28 17.17
CA ASN B 133 -9.23 9.57 18.39
C ASN B 133 -8.25 8.48 18.85
N HIS B 134 -7.01 8.55 18.35
CA HIS B 134 -5.90 7.71 18.82
C HIS B 134 -6.00 6.21 18.46
N THR B 135 -6.84 5.88 17.48
CA THR B 135 -6.89 4.53 16.92
C THR B 135 -6.38 4.50 15.48
N ILE B 136 -6.21 3.30 14.93
CA ILE B 136 -5.94 3.19 13.49
C ILE B 136 -6.91 2.25 12.81
N LYS B 137 -7.58 2.75 11.77
CA LYS B 137 -8.44 1.90 10.95
C LYS B 137 -7.55 0.97 10.14
N GLY B 138 -7.03 -0.07 10.80
CA GLY B 138 -6.11 -0.99 10.15
C GLY B 138 -6.81 -2.22 9.61
N SER B 139 -6.01 -3.25 9.33
CA SER B 139 -6.51 -4.56 8.93
C SER B 139 -5.67 -5.62 9.63
N PHE B 140 -6.23 -6.20 10.68
CA PHE B 140 -5.51 -7.19 11.48
C PHE B 140 -6.37 -8.43 11.72
N LEU B 141 -5.77 -9.61 11.55
CA LEU B 141 -6.44 -10.83 11.96
C LEU B 141 -5.79 -11.33 13.24
N ASN B 142 -6.22 -12.48 13.73
CA ASN B 142 -5.59 -13.03 14.93
C ASN B 142 -4.17 -13.48 14.64
N GLY B 143 -3.26 -13.16 15.57
CA GLY B 143 -1.85 -13.42 15.37
C GLY B 143 -1.06 -12.18 14.93
N SER B 144 -1.77 -11.11 14.58
CA SER B 144 -1.13 -9.90 14.07
C SER B 144 -0.38 -9.07 15.14
N CYS B 145 -0.70 -9.27 16.41
CA CYS B 145 -0.01 -8.52 17.50
C CYS B 145 1.49 -8.50 17.35
N GLY B 146 2.09 -7.34 17.63
CA GLY B 146 3.52 -7.18 17.45
C GLY B 146 3.91 -6.67 16.07
N SER B 147 2.97 -6.69 15.13
CA SER B 147 3.17 -6.05 13.83
C SER B 147 3.46 -4.57 14.06
N VAL B 148 4.30 -3.96 13.22
CA VAL B 148 4.78 -2.60 13.48
C VAL B 148 4.53 -1.57 12.38
N GLY B 149 4.43 -0.31 12.80
CA GLY B 149 4.23 0.80 11.90
C GLY B 149 5.49 1.64 11.88
N PHE B 150 5.75 2.31 10.78
CA PHE B 150 7.03 2.95 10.62
C PHE B 150 7.03 4.01 9.53
N ASN B 151 8.04 4.86 9.57
CA ASN B 151 8.38 5.72 8.45
C ASN B 151 9.85 5.54 8.06
N ILE B 152 10.22 5.98 6.86
CA ILE B 152 11.62 5.98 6.46
C ILE B 152 12.06 7.39 6.03
N ASP B 153 13.27 7.78 6.44
CA ASP B 153 13.88 9.05 6.02
C ASP B 153 15.32 8.79 5.59
N TYR B 154 15.52 8.56 4.29
CA TYR B 154 16.79 8.10 3.75
C TYR B 154 17.03 6.64 4.07
N ASP B 155 18.04 6.39 4.92
CA ASP B 155 18.41 5.04 5.31
C ASP B 155 17.82 4.65 6.66
N CYS B 156 17.16 5.61 7.31
CA CYS B 156 16.72 5.47 8.70
C CYS B 156 15.27 5.05 8.83
N VAL B 157 15.06 3.91 9.47
CA VAL B 157 13.70 3.44 9.79
C VAL B 157 13.21 4.04 11.11
N SER B 158 12.07 4.72 11.06
CA SER B 158 11.51 5.33 12.26
C SER B 158 10.33 4.52 12.76
N PHE B 159 10.57 3.67 13.75
CA PHE B 159 9.49 2.86 14.30
C PHE B 159 8.59 3.73 15.17
N CYS B 160 7.27 3.61 14.98
CA CYS B 160 6.35 4.46 15.72
C CYS B 160 5.17 3.69 16.27
N TYR B 161 4.95 2.49 15.77
CA TYR B 161 3.77 1.71 16.20
C TYR B 161 4.00 0.21 16.35
N MET B 162 3.40 -0.38 17.38
CA MET B 162 3.35 -1.83 17.56
C MET B 162 1.91 -2.19 17.86
N HIS B 163 1.40 -3.21 17.18
CA HIS B 163 0.00 -3.58 17.36
C HIS B 163 -0.26 -4.38 18.65
N HIS B 164 -1.33 -4.04 19.35
CA HIS B 164 -1.67 -4.71 20.61
C HIS B 164 -3.09 -5.26 20.58
N MET B 165 -4.02 -4.51 20.00
CA MET B 165 -5.42 -4.94 20.06
C MET B 165 -6.40 -4.31 19.09
N GLU B 166 -7.58 -4.96 19.01
CA GLU B 166 -8.71 -4.50 18.22
C GLU B 166 -9.83 -4.11 19.17
N LEU B 167 -10.52 -3.01 18.88
CA LEU B 167 -11.59 -2.53 19.75
C LEU B 167 -12.96 -2.94 19.21
N PRO B 168 -13.99 -2.82 20.05
CA PRO B 168 -15.35 -3.20 19.64
C PRO B 168 -15.71 -2.75 18.20
N THR B 169 -15.34 -1.54 17.78
CA THR B 169 -15.74 -1.08 16.45
C THR B 169 -14.92 -1.65 15.28
N GLY B 170 -13.99 -2.56 15.58
CA GLY B 170 -13.17 -3.15 14.56
C GLY B 170 -11.94 -2.32 14.18
N VAL B 171 -11.64 -1.30 14.97
CA VAL B 171 -10.42 -0.53 14.79
C VAL B 171 -9.36 -0.99 15.80
N HIS B 172 -8.19 -0.34 15.75
CA HIS B 172 -6.98 -0.91 16.33
C HIS B 172 -6.21 0.04 17.23
N ALA B 173 -5.58 -0.54 18.25
CA ALA B 173 -4.89 0.26 19.24
C ALA B 173 -3.58 -0.42 19.57
N GLY B 174 -2.59 0.39 19.93
CA GLY B 174 -1.25 -0.10 20.20
C GLY B 174 -0.36 0.93 20.83
N THR B 175 0.94 0.62 20.87
CA THR B 175 1.89 1.42 21.62
C THR B 175 2.91 2.03 20.69
N ASP B 176 3.67 3.00 21.20
CA ASP B 176 4.94 3.36 20.58
C ASP B 176 5.93 2.25 20.94
N LEU B 177 7.18 2.36 20.52
CA LEU B 177 8.15 1.30 20.78
C LEU B 177 8.77 1.44 22.17
N GLU B 178 8.11 2.23 23.02
CA GLU B 178 8.45 2.34 24.43
C GLU B 178 7.40 1.65 25.27
N GLY B 179 6.36 1.14 24.61
CA GLY B 179 5.34 0.38 25.29
C GLY B 179 4.23 1.24 25.87
N LYS B 180 4.30 2.54 25.60
CA LYS B 180 3.25 3.45 26.01
C LYS B 180 2.19 3.55 24.92
N PHE B 181 0.95 3.27 25.30
CA PHE B 181 -0.18 3.36 24.38
C PHE B 181 -0.42 4.73 23.75
N TYR B 182 -1.02 4.68 22.57
CA TYR B 182 -1.61 5.85 21.94
C TYR B 182 -3.05 5.88 22.42
N GLY B 183 -3.51 7.04 22.86
CA GLY B 183 -4.83 7.12 23.45
C GLY B 183 -4.90 6.55 24.87
N PRO B 184 -6.13 6.44 25.40
CA PRO B 184 -6.27 6.07 26.81
C PRO B 184 -6.37 4.56 27.01
N PHE B 185 -6.09 3.77 25.98
CA PHE B 185 -6.36 2.34 26.07
C PHE B 185 -5.36 1.57 26.94
N VAL B 186 -5.76 0.37 27.37
CA VAL B 186 -4.95 -0.50 28.22
C VAL B 186 -4.94 -1.93 27.69
N ASP B 187 -3.85 -2.65 27.92
CA ASP B 187 -3.72 -3.99 27.37
C ASP B 187 -4.35 -5.05 28.28
N ARG B 188 -5.67 -4.98 28.39
CA ARG B 188 -6.46 -6.05 28.99
C ARG B 188 -7.81 -6.11 28.28
N GLN B 189 -8.50 -7.23 28.42
CA GLN B 189 -9.79 -7.41 27.75
C GLN B 189 -10.92 -6.87 28.62
N THR B 190 -11.08 -5.55 28.62
CA THR B 190 -12.19 -4.91 29.30
C THR B 190 -13.14 -4.29 28.27
N ALA B 191 -13.79 -3.19 28.61
CA ALA B 191 -14.88 -2.68 27.80
C ALA B 191 -14.58 -1.34 27.14
N GLN B 192 -13.31 -1.03 27.00
CA GLN B 192 -12.89 0.20 26.36
C GLN B 192 -13.48 0.33 24.96
N ALA B 193 -13.69 1.57 24.52
CA ALA B 193 -14.18 1.86 23.17
C ALA B 193 -13.59 3.15 22.63
N ALA B 194 -13.46 3.22 21.31
CA ALA B 194 -12.98 4.43 20.68
C ALA B 194 -13.95 5.56 20.93
N GLY B 195 -13.42 6.74 21.22
CA GLY B 195 -14.25 7.92 21.25
C GLY B 195 -14.68 8.23 19.83
N THR B 196 -15.60 9.17 19.68
CA THR B 196 -15.97 9.63 18.35
C THR B 196 -14.75 10.21 17.62
N ASP B 197 -14.70 9.99 16.31
CA ASP B 197 -13.57 10.43 15.50
C ASP B 197 -13.96 11.61 14.60
N THR B 198 -12.97 12.38 14.18
CA THR B 198 -13.16 13.48 13.25
C THR B 198 -12.27 13.35 12.02
N THR B 199 -12.53 14.20 11.02
CA THR B 199 -11.76 14.22 9.78
C THR B 199 -10.53 15.08 9.97
N ILE B 200 -9.41 14.65 9.40
CA ILE B 200 -8.13 15.31 9.61
C ILE B 200 -7.92 16.46 8.61
N THR B 201 -8.40 17.64 9.03
CA THR B 201 -8.38 18.83 8.21
C THR B 201 -7.00 19.10 7.62
N LEU B 202 -5.97 19.01 8.45
CA LEU B 202 -4.60 19.25 7.96
C LEU B 202 -4.29 18.45 6.70
N ASN B 203 -4.62 17.16 6.75
CA ASN B 203 -4.42 16.24 5.63
C ASN B 203 -5.34 16.50 4.43
N VAL B 204 -6.60 16.83 4.68
CA VAL B 204 -7.47 17.21 3.57
C VAL B 204 -6.85 18.37 2.78
N LEU B 205 -6.40 19.38 3.51
CA LEU B 205 -5.74 20.55 2.94
C LEU B 205 -4.49 20.16 2.17
N ALA B 206 -3.69 19.24 2.72
CA ALA B 206 -2.48 18.80 2.05
C ALA B 206 -2.89 18.15 0.74
N TRP B 207 -3.92 17.33 0.83
CA TRP B 207 -4.41 16.61 -0.33
C TRP B 207 -4.91 17.59 -1.40
N LEU B 208 -5.61 18.65 -0.98
CA LEU B 208 -6.01 19.69 -1.93
C LEU B 208 -4.83 20.38 -2.62
N TYR B 209 -3.74 20.64 -1.87
CA TYR B 209 -2.52 21.15 -2.47
C TYR B 209 -1.95 20.16 -3.50
N ALA B 210 -2.08 18.87 -3.19
CA ALA B 210 -1.58 17.82 -4.06
C ALA B 210 -2.37 17.82 -5.36
N ALA B 211 -3.68 17.94 -5.24
CA ALA B 211 -4.52 18.02 -6.41
C ALA B 211 -4.02 19.18 -7.29
N VAL B 212 -3.85 20.34 -6.65
CA VAL B 212 -3.42 21.52 -7.39
C VAL B 212 -2.06 21.27 -8.02
N ILE B 213 -1.16 20.64 -7.29
CA ILE B 213 0.18 20.38 -7.81
C ILE B 213 0.13 19.54 -9.09
N ASN B 214 -0.79 18.59 -9.14
CA ASN B 214 -0.98 17.77 -10.32
C ASN B 214 -1.93 18.39 -11.36
N GLY B 215 -2.12 19.70 -11.27
CA GLY B 215 -2.97 20.42 -12.20
C GLY B 215 -4.48 20.29 -12.03
N ASP B 216 -4.90 19.71 -10.92
CA ASP B 216 -6.32 19.62 -10.59
C ASP B 216 -6.70 20.84 -9.74
N ARG B 217 -7.35 21.84 -10.33
CA ARG B 217 -7.58 23.10 -9.62
C ARG B 217 -8.95 23.76 -9.83
N TRP B 218 -9.91 23.03 -10.38
CA TRP B 218 -11.24 23.60 -10.62
C TRP B 218 -11.90 24.15 -9.36
N PHE B 219 -11.46 23.65 -8.21
CA PHE B 219 -12.15 23.88 -6.95
C PHE B 219 -11.68 25.18 -6.27
N LEU B 220 -10.65 25.80 -6.84
CA LEU B 220 -10.13 27.05 -6.28
C LEU B 220 -11.11 28.20 -6.50
N ASN B 221 -11.04 29.22 -5.66
CA ASN B 221 -11.84 30.41 -5.89
C ASN B 221 -11.09 31.69 -5.57
N ARG B 222 -11.68 32.84 -5.91
CA ARG B 222 -10.98 34.10 -5.75
C ARG B 222 -11.17 34.69 -4.35
N PHE B 223 -11.71 33.87 -3.44
CA PHE B 223 -12.03 34.34 -2.10
C PHE B 223 -11.14 33.79 -1.00
N THR B 224 -11.28 34.36 0.19
CA THR B 224 -10.55 33.87 1.34
C THR B 224 -11.47 33.76 2.57
N THR B 225 -10.88 33.40 3.71
CA THR B 225 -11.68 33.21 4.92
C THR B 225 -10.81 33.44 6.16
N THR B 226 -11.46 33.69 7.29
CA THR B 226 -10.76 33.72 8.57
C THR B 226 -10.62 32.30 9.09
N LEU B 227 -9.61 32.09 9.90
CA LEU B 227 -9.40 30.82 10.57
C LEU B 227 -10.66 30.44 11.31
N ASN B 228 -11.16 31.41 12.07
CA ASN B 228 -12.37 31.28 12.86
C ASN B 228 -13.61 30.84 12.06
N ASP B 229 -13.94 31.58 10.99
CA ASP B 229 -15.06 31.23 10.13
C ASP B 229 -14.92 29.83 9.55
N PHE B 230 -13.72 29.50 9.09
CA PHE B 230 -13.48 28.16 8.58
C PHE B 230 -13.85 27.12 9.64
N ASN B 231 -13.39 27.32 10.88
CA ASN B 231 -13.69 26.36 11.95
C ASN B 231 -15.18 26.19 12.25
N LEU B 232 -15.94 27.25 12.08
CA LEU B 232 -17.40 27.15 12.23
C LEU B 232 -18.04 26.28 11.14
N VAL B 233 -17.51 26.32 9.93
CA VAL B 233 -17.98 25.40 8.88
C VAL B 233 -17.42 23.99 9.05
N ALA B 234 -16.10 23.88 9.17
CA ALA B 234 -15.45 22.58 9.30
C ALA B 234 -16.13 21.75 10.36
N MET B 235 -16.29 22.34 11.52
CA MET B 235 -16.78 21.60 12.67
C MET B 235 -18.25 21.18 12.54
N LYS B 236 -19.01 21.86 11.70
CA LYS B 236 -20.36 21.42 11.36
C LYS B 236 -20.26 20.07 10.64
N TYR B 237 -19.16 19.90 9.91
CA TYR B 237 -18.98 18.72 9.07
C TYR B 237 -18.09 17.68 9.72
N ASN B 238 -17.83 17.85 11.01
CA ASN B 238 -17.02 16.90 11.76
C ASN B 238 -15.54 16.91 11.40
N TYR B 239 -15.01 18.10 11.12
CA TYR B 239 -13.61 18.31 10.83
C TYR B 239 -12.86 18.74 12.07
N GLU B 240 -11.65 18.20 12.28
CA GLU B 240 -10.76 18.70 13.32
C GLU B 240 -10.70 20.22 13.16
N PRO B 241 -10.76 20.95 14.29
CA PRO B 241 -10.52 22.39 14.20
C PRO B 241 -9.13 22.62 13.62
N LEU B 242 -9.01 23.56 12.70
CA LEU B 242 -7.71 23.92 12.19
C LEU B 242 -7.05 24.93 13.14
N THR B 243 -5.75 24.82 13.32
CA THR B 243 -5.02 25.75 14.19
C THR B 243 -3.94 26.47 13.41
N GLN B 244 -3.48 27.58 13.97
CA GLN B 244 -2.36 28.33 13.41
C GLN B 244 -1.17 27.41 13.17
N ASP B 245 -0.95 26.47 14.08
CA ASP B 245 0.14 25.55 13.92
C ASP B 245 -0.04 24.68 12.68
N HIS B 246 -1.25 24.21 12.44
CA HIS B 246 -1.54 23.47 11.21
C HIS B 246 -1.33 24.35 9.97
N VAL B 247 -1.77 25.61 10.05
CA VAL B 247 -1.55 26.56 8.97
C VAL B 247 -0.06 26.60 8.60
N ASP B 248 0.82 26.74 9.60
CA ASP B 248 2.27 26.82 9.35
C ASP B 248 2.86 25.56 8.73
N ILE B 249 2.31 24.41 9.09
CA ILE B 249 2.84 23.15 8.59
C ILE B 249 2.56 23.05 7.08
N LEU B 250 1.48 23.67 6.63
CA LEU B 250 1.17 23.74 5.20
C LEU B 250 1.97 24.82 4.47
N GLY B 251 2.73 25.62 5.22
CA GLY B 251 3.53 26.69 4.64
C GLY B 251 4.26 26.30 3.36
N PRO B 252 5.08 25.24 3.44
CA PRO B 252 5.83 24.82 2.26
C PRO B 252 4.95 24.56 1.05
N LEU B 253 3.82 23.88 1.24
CA LEU B 253 2.95 23.56 0.12
C LEU B 253 2.28 24.82 -0.43
N SER B 254 1.91 25.73 0.48
CA SER B 254 1.35 27.01 0.11
C SER B 254 2.36 27.84 -0.68
N ALA B 255 3.62 27.75 -0.30
CA ALA B 255 4.70 28.46 -0.99
C ALA B 255 4.93 27.88 -2.39
N GLN B 256 5.00 26.56 -2.47
CA GLN B 256 5.16 25.88 -3.75
C GLN B 256 4.03 26.21 -4.74
N THR B 257 2.79 26.33 -4.26
CA THR B 257 1.68 26.60 -5.16
C THR B 257 1.35 28.10 -5.21
N GLY B 258 1.92 28.87 -4.30
CA GLY B 258 1.56 30.27 -4.14
C GLY B 258 0.10 30.49 -3.81
N ILE B 259 -0.52 29.53 -3.14
CA ILE B 259 -1.90 29.68 -2.65
C ILE B 259 -1.92 29.68 -1.13
N ALA B 260 -2.45 30.75 -0.57
CA ALA B 260 -2.55 30.87 0.89
C ALA B 260 -3.46 29.81 1.50
N VAL B 261 -3.06 29.28 2.66
CA VAL B 261 -3.86 28.29 3.35
C VAL B 261 -5.30 28.76 3.51
N LEU B 262 -5.46 30.01 3.93
CA LEU B 262 -6.79 30.54 4.14
C LEU B 262 -7.57 30.66 2.85
N ASP B 263 -6.86 30.92 1.73
CA ASP B 263 -7.48 30.90 0.40
C ASP B 263 -7.97 29.48 0.05
N MET B 264 -7.16 28.47 0.40
CA MET B 264 -7.54 27.07 0.23
C MET B 264 -8.60 26.62 1.23
N CYS B 265 -8.62 27.23 2.42
CA CYS B 265 -9.70 26.91 3.35
C CYS B 265 -10.98 27.36 2.74
N ALA B 266 -10.95 28.53 2.10
CA ALA B 266 -12.15 29.08 1.48
C ALA B 266 -12.66 28.07 0.45
N ALA B 267 -11.77 27.57 -0.40
CA ALA B 267 -12.14 26.55 -1.38
C ALA B 267 -12.73 25.31 -0.71
N LEU B 268 -12.10 24.87 0.38
CA LEU B 268 -12.54 23.68 1.07
C LEU B 268 -13.91 23.90 1.71
N LYS B 269 -14.11 25.11 2.21
CA LYS B 269 -15.41 25.48 2.78
C LYS B 269 -16.53 25.28 1.75
N GLU B 270 -16.24 25.60 0.49
CA GLU B 270 -17.24 25.48 -0.57
C GLU B 270 -17.46 24.04 -0.99
N LEU B 271 -16.39 23.25 -0.97
CA LEU B 271 -16.52 21.82 -1.22
C LEU B 271 -17.45 21.15 -0.21
N LEU B 272 -17.28 21.49 1.06
CA LEU B 272 -18.16 20.96 2.10
C LEU B 272 -19.63 21.43 1.93
N GLN B 273 -19.83 22.73 1.76
CA GLN B 273 -21.18 23.29 1.69
C GLN B 273 -21.95 22.96 0.42
N ASN B 274 -21.26 22.60 -0.66
CA ASN B 274 -21.94 22.34 -1.94
C ASN B 274 -21.63 20.97 -2.51
N GLY B 275 -20.64 20.29 -1.95
CA GLY B 275 -20.22 19.02 -2.52
C GLY B 275 -19.40 19.26 -3.76
N MET B 276 -19.15 18.20 -4.53
CA MET B 276 -18.31 18.33 -5.71
C MET B 276 -19.15 18.49 -6.95
N ASN B 277 -20.46 18.59 -6.75
CA ASN B 277 -21.39 18.49 -7.88
C ASN B 277 -21.12 17.17 -8.59
N GLY B 278 -20.57 17.24 -9.79
CA GLY B 278 -20.29 16.04 -10.55
C GLY B 278 -18.82 15.68 -10.68
N ARG B 279 -17.94 16.58 -10.28
CA ARG B 279 -16.51 16.41 -10.56
C ARG B 279 -15.76 15.49 -9.59
N THR B 280 -14.45 15.34 -9.82
CA THR B 280 -13.58 14.58 -8.93
C THR B 280 -12.31 15.35 -8.61
N ILE B 281 -11.57 14.87 -7.62
CA ILE B 281 -10.30 15.51 -7.28
C ILE B 281 -9.24 14.42 -7.18
N LEU B 282 -8.15 14.58 -7.91
CA LEU B 282 -7.17 13.51 -8.05
C LEU B 282 -7.92 12.22 -8.35
N GLY B 283 -8.99 12.35 -9.13
CA GLY B 283 -9.81 11.23 -9.52
C GLY B 283 -10.45 10.54 -8.33
N SER B 284 -10.85 11.33 -7.34
CA SER B 284 -11.55 10.78 -6.18
C SER B 284 -12.85 11.55 -5.95
N THR B 285 -13.87 10.86 -5.46
CA THR B 285 -15.16 11.48 -5.21
C THR B 285 -15.22 12.07 -3.80
N ILE B 286 -14.31 11.61 -2.93
CA ILE B 286 -14.28 12.08 -1.55
C ILE B 286 -13.01 12.86 -1.23
N LEU B 287 -13.08 13.67 -0.19
CA LEU B 287 -11.91 14.40 0.26
C LEU B 287 -11.03 13.48 1.12
N GLU B 288 -9.84 13.18 0.61
CA GLU B 288 -8.91 12.27 1.28
C GLU B 288 -8.28 12.91 2.51
N ASP B 289 -8.24 12.18 3.62
CA ASP B 289 -7.59 12.73 4.82
C ASP B 289 -6.42 11.89 5.33
N GLU B 290 -5.89 10.98 4.52
CA GLU B 290 -4.75 10.20 5.01
C GLU B 290 -3.43 10.43 4.28
N PHE B 291 -3.29 11.62 3.67
CA PHE B 291 -2.01 12.14 3.19
C PHE B 291 -1.58 13.37 4.01
N THR B 292 -0.44 13.30 4.68
CA THR B 292 0.03 14.45 5.45
C THR B 292 0.72 15.45 4.52
N PRO B 293 0.95 16.67 5.01
CA PRO B 293 1.75 17.63 4.22
C PRO B 293 3.06 17.04 3.71
N PHE B 294 3.72 16.22 4.52
CA PHE B 294 5.01 15.67 4.12
C PHE B 294 4.90 14.53 3.11
N ASP B 295 3.87 13.69 3.23
CA ASP B 295 3.65 12.66 2.20
C ASP B 295 3.53 13.28 0.81
N VAL B 296 2.79 14.38 0.73
CA VAL B 296 2.61 15.10 -0.53
C VAL B 296 3.93 15.57 -1.11
N VAL B 297 4.80 16.12 -0.27
CA VAL B 297 6.11 16.52 -0.74
C VAL B 297 6.86 15.25 -1.19
N ARG B 298 7.12 14.36 -0.24
CA ARG B 298 7.84 13.14 -0.56
C ARG B 298 7.44 12.60 -1.92
N GLN B 299 6.15 12.53 -2.17
CA GLN B 299 5.64 11.87 -3.38
C GLN B 299 5.69 12.74 -4.65
N CYS B 300 5.31 14.00 -4.54
CA CYS B 300 5.35 14.91 -5.69
C CYS B 300 6.79 15.37 -5.96
N SER B 301 7.76 14.66 -5.38
CA SER B 301 9.16 14.98 -5.58
C SER B 301 10.05 13.75 -5.88
N GLY B 302 9.43 12.59 -6.01
CA GLY B 302 10.14 11.35 -6.33
C GLY B 302 11.17 10.90 -5.30
N VAL B 303 10.97 11.29 -4.05
CA VAL B 303 11.90 10.91 -2.96
C VAL B 303 12.09 9.40 -2.85
N THR B 304 13.34 8.96 -2.78
CA THR B 304 13.66 7.53 -2.65
C THR B 304 14.43 7.24 -1.36
N PHE B 305 14.64 5.95 -1.10
CA PHE B 305 15.32 5.54 0.13
C PHE B 305 16.45 4.54 -0.10
N GLN B 306 17.65 4.91 0.34
CA GLN B 306 18.83 4.06 0.17
C GLN B 306 18.77 2.84 1.10
N ALA C 4 2.10 9.66 -26.02
CA ALA C 4 2.74 8.53 -25.34
C ALA C 4 4.13 8.92 -24.89
N VAL C 5 4.35 8.99 -23.57
CA VAL C 5 5.65 9.36 -23.00
C VAL C 5 6.38 8.22 -22.33
N LEU C 6 7.24 7.52 -23.08
CA LEU C 6 8.02 6.39 -22.56
C LEU C 6 8.75 6.75 -21.28
C 0JU C 7 9.61 5.76 -18.18
NF 0JU C 7 10.55 6.26 -17.49
CA 0JU C 7 8.62 6.72 -18.80
N 0JU C 7 8.12 6.44 -20.14
CB 0JU C 7 7.34 6.66 -17.97
CG 0JU C 7 7.34 7.70 -16.86
CD 0JU C 7 5.88 7.99 -16.63
OE 0JU C 7 5.07 7.10 -16.77
NE 0JU C 7 5.58 9.25 -16.29
N ALA D 4 -12.66 -5.54 24.43
CA ALA D 4 -11.36 -5.45 23.78
C ALA D 4 -10.84 -6.82 23.46
N VAL D 5 -10.09 -6.91 22.36
CA VAL D 5 -9.49 -8.15 21.87
C VAL D 5 -8.01 -8.02 21.67
N LEU D 6 -7.22 -8.83 22.38
CA LEU D 6 -5.76 -8.78 22.26
C LEU D 6 -5.24 -9.62 21.12
C 0JU D 7 -3.10 -9.90 18.80
NF 0JU D 7 -2.70 -11.05 18.51
CA 0JU D 7 -4.59 -9.69 18.76
N 0JU D 7 -5.10 -9.01 19.95
CB 0JU D 7 -4.90 -8.74 17.61
CG 0JU D 7 -6.24 -9.08 17.00
CD 0JU D 7 -6.50 -8.04 15.95
OE 0JU D 7 -6.09 -6.92 16.14
NE 0JU D 7 -7.17 -8.41 14.86
C1 EDO E . -2.78 -10.44 -25.40
O1 EDO E . -2.17 -10.98 -24.22
C2 EDO E . -2.46 -8.94 -25.47
O2 EDO E . -2.89 -8.30 -24.27
#